data_2WBP
#
_entry.id   2WBP
#
_cell.length_a   80.770
_cell.length_b   66.930
_cell.length_c   62.900
_cell.angle_alpha   90.00
_cell.angle_beta   109.16
_cell.angle_gamma   90.00
#
_symmetry.space_group_name_H-M   'C 1 2 1'
#
loop_
_entity.id
_entity.type
_entity.pdbx_description
1 polymer 'L-ARGININE BETA-HYDROXYLASE'
2 non-polymer ARGININE
3 non-polymer 'FE (II) ION'
4 non-polymer (2S,3S)-3-HYDROXYARGININE
5 non-polymer 'SUCCINIC ACID'
6 non-polymer GLYCEROL
7 water water
#
_entity_poly.entity_id   1
_entity_poly.type   'polypeptide(L)'
_entity_poly.pdbx_seq_one_letter_code
;MTESPTTHHGAAPPDSVATPVRPWSEFRLTPAEAAAAAALAARCAQRYDETDGPEFLLDAPVIAHELPRRLRTFMARARL
DAWPHALVVRGNPVDDAALGSTPVHWRTARTPGSRPLSFLLMLYAGLLGDVFGWATQQDGRVVTDVLPIKGGEHTLVSSS
SRQELGWHTEDAFSPYRADYVGLLSLRNPDGVATTLAGVPLDDLDERTLDVLFQERFLIRPDDSHLQVNNSTAQQGRVEF
EGIAQAADRPEPVAILTGHRAAPHLRVDGDFSAPAEGDEEAAAALGTLRKLIDASLYELVLDQGDVAFIDNRRAVHGRRA
FQPRYDGRDRWLKRINITRDLHRSRKAWAGDSRVLGQR
;
_entity_poly.pdbx_strand_id   A
#
loop_
_chem_comp.id
_chem_comp.type
_chem_comp.name
_chem_comp.formula
FE2 non-polymer 'FE (II) ION' 'Fe 2'
GOL non-polymer GLYCEROL 'C3 H8 O3'
SIN non-polymer 'SUCCINIC ACID' 'C4 H6 O4'
#
# COMPACT_ATOMS: atom_id res chain seq x y z
N VAL A 21 -24.21 1.12 -3.42
CA VAL A 21 -23.32 -0.07 -3.46
C VAL A 21 -21.90 0.34 -3.85
N ARG A 22 -20.91 -0.20 -3.16
CA ARG A 22 -19.50 0.10 -3.43
C ARG A 22 -18.65 -1.19 -3.48
N PRO A 23 -17.60 -1.21 -4.30
CA PRO A 23 -16.70 -2.38 -4.35
C PRO A 23 -15.72 -2.52 -3.18
N TRP A 24 -15.85 -1.63 -2.21
CA TRP A 24 -15.10 -1.74 -0.99
C TRP A 24 -16.06 -1.76 0.18
N SER A 25 -15.55 -2.18 1.34
CA SER A 25 -16.33 -2.18 2.56
CA SER A 25 -16.33 -2.18 2.59
C SER A 25 -15.97 -0.96 3.41
N GLU A 26 -16.97 -0.24 3.88
CA GLU A 26 -16.77 1.04 4.55
C GLU A 26 -17.32 1.05 5.96
N PHE A 27 -16.61 1.72 6.84
CA PHE A 27 -16.98 1.90 8.22
C PHE A 27 -16.81 3.38 8.53
N ARG A 28 -17.77 3.98 9.20
CA ARG A 28 -17.60 5.35 9.67
C ARG A 28 -17.60 5.40 11.19
N LEU A 29 -16.53 5.91 11.76
CA LEU A 29 -16.41 6.11 13.20
C LEU A 29 -17.40 7.14 13.67
N THR A 30 -18.04 6.87 14.80
CA THR A 30 -18.72 7.95 15.49
C THR A 30 -17.67 8.91 16.05
N PRO A 31 -18.07 10.15 16.34
CA PRO A 31 -17.13 11.06 16.97
C PRO A 31 -16.51 10.51 18.26
N ALA A 32 -17.31 9.85 19.10
CA ALA A 32 -16.78 9.27 20.33
C ALA A 32 -15.78 8.14 20.07
N GLU A 33 -16.09 7.28 19.11
CA GLU A 33 -15.18 6.20 18.75
C GLU A 33 -13.87 6.80 18.19
N ALA A 34 -13.97 7.80 17.33
CA ALA A 34 -12.79 8.39 16.72
C ALA A 34 -11.91 9.03 17.79
N ALA A 35 -12.54 9.69 18.75
CA ALA A 35 -11.81 10.33 19.84
C ALA A 35 -11.11 9.28 20.70
N ALA A 36 -11.80 8.17 20.95
CA ALA A 36 -11.19 7.08 21.73
C ALA A 36 -9.96 6.48 21.01
N ALA A 37 -10.06 6.25 19.72
CA ALA A 37 -8.97 5.70 18.93
C ALA A 37 -7.78 6.70 18.96
N ALA A 38 -8.08 7.98 18.76
CA ALA A 38 -7.04 9.02 18.75
C ALA A 38 -6.33 9.09 20.10
N ALA A 39 -7.09 8.94 21.19
CA ALA A 39 -6.54 9.00 22.52
C ALA A 39 -5.63 7.81 22.77
N LEU A 40 -6.01 6.64 22.28
CA LEU A 40 -5.15 5.47 22.37
C LEU A 40 -3.83 5.66 21.61
N ALA A 41 -3.92 6.18 20.38
CA ALA A 41 -2.73 6.46 19.59
C ALA A 41 -1.85 7.49 20.30
N ALA A 42 -2.47 8.49 20.91
CA ALA A 42 -1.72 9.53 21.60
C ALA A 42 -0.98 8.95 22.79
N ARG A 43 -1.61 8.04 23.51
CA ARG A 43 -0.98 7.41 24.66
CA ARG A 43 -0.99 7.37 24.65
C ARG A 43 0.22 6.56 24.20
N CYS A 44 0.06 5.84 23.11
CA CYS A 44 1.17 5.07 22.54
C CYS A 44 2.32 6.00 22.18
N ALA A 45 2.02 7.14 21.55
CA ALA A 45 3.06 8.06 21.13
C ALA A 45 3.81 8.63 22.35
N GLN A 46 3.13 8.71 23.49
CA GLN A 46 3.79 9.14 24.73
C GLN A 46 4.71 8.05 25.30
N ARG A 47 4.35 6.79 25.09
CA ARG A 47 4.96 5.67 25.81
C ARG A 47 6.07 4.97 25.01
N TYR A 48 6.10 5.13 23.70
CA TYR A 48 7.12 4.48 22.87
C TYR A 48 7.89 5.56 22.11
N ASP A 49 9.16 5.30 21.80
CA ASP A 49 9.98 6.28 21.09
C ASP A 49 9.66 6.42 19.59
N GLU A 50 9.35 5.33 18.93
CA GLU A 50 9.03 5.38 17.49
C GLU A 50 8.13 4.23 17.10
N THR A 51 7.39 4.40 16.02
CA THR A 51 6.45 3.39 15.53
CA THR A 51 6.44 3.39 15.59
C THR A 51 7.18 2.14 15.08
N ASP A 52 8.38 2.33 14.56
CA ASP A 52 9.07 1.26 13.87
C ASP A 52 10.01 0.54 14.78
N GLY A 53 10.11 1.02 16.03
CA GLY A 53 11.00 0.42 16.99
C GLY A 53 10.55 -0.98 17.28
N PRO A 54 11.48 -1.84 17.70
CA PRO A 54 11.09 -3.22 17.93
C PRO A 54 9.98 -3.36 18.95
N GLU A 55 10.01 -2.53 19.98
CA GLU A 55 9.04 -2.59 21.07
C GLU A 55 7.61 -2.32 20.59
N PHE A 56 7.38 -1.24 19.87
CA PHE A 56 6.05 -0.98 19.43
C PHE A 56 5.60 -1.97 18.35
N LEU A 57 6.51 -2.42 17.49
CA LEU A 57 6.14 -3.39 16.48
C LEU A 57 5.53 -4.63 17.14
N LEU A 58 6.13 -5.07 18.26
CA LEU A 58 5.65 -6.25 18.96
C LEU A 58 4.34 -5.99 19.73
N ASP A 59 4.23 -4.79 20.30
CA ASP A 59 3.14 -4.47 21.22
C ASP A 59 1.87 -3.98 20.52
N ALA A 60 2.01 -3.34 19.36
CA ALA A 60 0.87 -2.74 18.67
C ALA A 60 -0.32 -3.69 18.47
N PRO A 61 -0.08 -4.94 18.03
CA PRO A 61 -1.25 -5.82 17.81
C PRO A 61 -2.07 -6.11 19.07
N VAL A 62 -1.43 -6.09 20.23
CA VAL A 62 -2.12 -6.33 21.50
C VAL A 62 -2.74 -5.04 22.05
N ILE A 63 -2.05 -3.92 21.87
CA ILE A 63 -2.64 -2.64 22.21
C ILE A 63 -3.89 -2.35 21.37
N ALA A 64 -3.86 -2.78 20.10
CA ALA A 64 -4.98 -2.60 19.20
C ALA A 64 -6.26 -3.25 19.74
N HIS A 65 -6.14 -4.26 20.61
CA HIS A 65 -7.30 -4.87 21.23
C HIS A 65 -8.12 -3.89 22.06
N GLU A 66 -7.53 -2.75 22.43
CA GLU A 66 -8.21 -1.71 23.20
C GLU A 66 -8.96 -0.68 22.33
N LEU A 67 -8.87 -0.81 21.02
CA LEU A 67 -9.62 0.08 20.11
C LEU A 67 -11.11 -0.12 20.29
N PRO A 68 -11.93 0.82 19.80
CA PRO A 68 -13.39 0.67 19.94
C PRO A 68 -13.91 -0.66 19.40
N ARG A 69 -14.77 -1.32 20.16
CA ARG A 69 -15.22 -2.65 19.82
C ARG A 69 -15.91 -2.73 18.46
N ARG A 70 -16.72 -1.74 18.12
CA ARG A 70 -17.42 -1.80 16.86
C ARG A 70 -16.46 -1.77 15.67
N LEU A 71 -15.36 -1.06 15.83
CA LEU A 71 -14.29 -1.04 14.81
C LEU A 71 -13.58 -2.39 14.75
N ARG A 72 -13.28 -2.97 15.90
CA ARG A 72 -12.64 -4.29 15.92
C ARG A 72 -13.53 -5.36 15.27
N THR A 73 -14.83 -5.28 15.49
CA THR A 73 -15.78 -6.19 14.87
C THR A 73 -15.77 -6.00 13.35
N PHE A 74 -15.82 -4.75 12.89
CA PHE A 74 -15.75 -4.47 11.45
C PHE A 74 -14.48 -5.05 10.82
N MET A 75 -13.34 -4.82 11.44
CA MET A 75 -12.08 -5.25 10.86
C MET A 75 -12.00 -6.79 10.78
N ALA A 76 -12.45 -7.45 11.85
CA ALA A 76 -12.42 -8.91 11.94
C ALA A 76 -13.33 -9.53 10.90
N ARG A 77 -14.50 -8.96 10.70
CA ARG A 77 -15.48 -9.51 9.78
C ARG A 77 -15.22 -9.15 8.33
N ALA A 78 -14.86 -7.89 8.07
CA ALA A 78 -14.72 -7.40 6.73
C ALA A 78 -13.54 -8.09 6.04
N ARG A 79 -12.49 -8.40 6.80
CA ARG A 79 -11.31 -9.11 6.28
CA ARG A 79 -11.34 -9.05 6.20
C ARG A 79 -11.68 -10.48 5.73
N LEU A 80 -12.68 -11.11 6.33
CA LEU A 80 -13.11 -12.45 5.95
C LEU A 80 -14.16 -12.48 4.84
N ASP A 81 -14.68 -11.32 4.46
CA ASP A 81 -15.61 -11.25 3.35
C ASP A 81 -14.91 -11.59 2.04
N ALA A 82 -15.66 -12.15 1.08
CA ALA A 82 -15.10 -12.66 -0.16
C ALA A 82 -14.86 -11.56 -1.19
N TRP A 83 -15.56 -10.43 -1.05
CA TRP A 83 -15.73 -9.49 -2.16
C TRP A 83 -14.91 -8.16 -2.13
N PRO A 84 -14.68 -7.55 -0.96
CA PRO A 84 -14.19 -6.16 -1.03
C PRO A 84 -12.79 -6.01 -1.61
N HIS A 85 -12.58 -4.90 -2.33
CA HIS A 85 -11.27 -4.55 -2.83
C HIS A 85 -10.44 -3.81 -1.78
N ALA A 86 -11.11 -3.25 -0.78
CA ALA A 86 -10.46 -2.49 0.29
C ALA A 86 -11.44 -2.43 1.46
N LEU A 87 -10.86 -2.16 2.62
CA LEU A 87 -11.59 -1.84 3.86
C LEU A 87 -11.29 -0.37 4.14
N VAL A 88 -12.33 0.43 4.23
CA VAL A 88 -12.16 1.85 4.37
C VAL A 88 -12.80 2.32 5.69
N VAL A 89 -12.01 3.04 6.48
CA VAL A 89 -12.46 3.59 7.76
C VAL A 89 -12.44 5.12 7.71
N ARG A 90 -13.62 5.72 7.78
CA ARG A 90 -13.77 7.17 7.70
C ARG A 90 -13.89 7.76 9.11
N GLY A 91 -13.47 9.01 9.23
CA GLY A 91 -13.86 9.84 10.35
C GLY A 91 -12.86 10.07 11.44
N ASN A 92 -11.58 9.83 11.18
CA ASN A 92 -10.56 10.17 12.18
C ASN A 92 -10.24 11.67 12.10
N PRO A 93 -10.36 12.39 13.23
CA PRO A 93 -10.07 13.83 13.17
C PRO A 93 -8.61 14.11 12.89
N VAL A 94 -8.36 15.11 12.07
CA VAL A 94 -7.02 15.61 11.85
C VAL A 94 -7.12 17.14 11.86
N ASP A 95 -6.32 17.76 12.71
CA ASP A 95 -6.30 19.23 12.85
C ASP A 95 -5.11 19.77 12.08
N ASP A 96 -5.35 20.48 10.96
CA ASP A 96 -4.25 20.94 10.12
C ASP A 96 -3.23 21.81 10.86
N ALA A 97 -3.68 22.61 11.84
CA ALA A 97 -2.77 23.48 12.59
C ALA A 97 -1.83 22.63 13.43
N ALA A 98 -2.34 21.57 14.06
CA ALA A 98 -1.50 20.68 14.84
C ALA A 98 -0.58 19.86 13.94
N LEU A 99 -1.09 19.48 12.79
CA LEU A 99 -0.36 18.61 11.88
C LEU A 99 0.86 19.31 11.36
N GLY A 100 0.72 20.58 10.97
CA GLY A 100 1.83 21.35 10.40
C GLY A 100 1.92 21.17 8.90
N SER A 101 2.89 21.82 8.27
CA SER A 101 2.99 21.80 6.82
CA SER A 101 2.99 21.80 6.82
C SER A 101 3.39 20.43 6.28
N THR A 102 2.96 20.13 5.07
CA THR A 102 3.39 18.91 4.39
C THR A 102 4.89 18.98 4.15
N PRO A 103 5.62 17.92 4.53
CA PRO A 103 7.05 17.90 4.32
C PRO A 103 7.42 17.99 2.84
N VAL A 104 8.65 18.40 2.58
CA VAL A 104 9.14 18.55 1.21
C VAL A 104 9.75 17.26 0.67
N HIS A 105 9.94 16.28 1.54
CA HIS A 105 10.58 15.01 1.17
C HIS A 105 10.16 13.99 2.22
N TRP A 106 10.14 12.70 1.86
CA TRP A 106 9.83 11.68 2.87
C TRP A 106 10.87 11.62 4.00
N ARG A 107 12.12 12.00 3.73
CA ARG A 107 13.19 11.89 4.73
CA ARG A 107 13.18 11.87 4.73
C ARG A 107 12.84 12.65 6.00
N THR A 108 12.22 13.83 5.83
CA THR A 108 11.98 14.74 6.93
C THR A 108 10.52 14.69 7.32
N ALA A 109 9.83 13.63 6.94
CA ALA A 109 8.39 13.59 7.10
C ALA A 109 7.86 13.01 8.40
N ARG A 110 8.76 12.57 9.28
CA ARG A 110 8.34 12.14 10.62
C ARG A 110 8.24 13.32 11.58
N THR A 111 7.25 14.16 11.30
CA THR A 111 7.07 15.39 12.02
C THR A 111 6.26 15.15 13.29
N PRO A 112 6.48 15.98 14.30
CA PRO A 112 5.72 15.75 15.54
C PRO A 112 4.20 15.78 15.36
N GLY A 113 3.71 16.65 14.48
CA GLY A 113 2.30 16.73 14.26
C GLY A 113 1.70 15.50 13.62
N SER A 114 2.51 14.76 12.87
CA SER A 114 2.03 13.54 12.21
C SER A 114 2.24 12.27 13.04
N ARG A 115 2.97 12.39 14.13
CA ARG A 115 3.35 11.22 14.92
C ARG A 115 2.18 10.44 15.54
N PRO A 116 1.20 11.11 16.16
CA PRO A 116 0.08 10.33 16.65
C PRO A 116 -0.68 9.58 15.56
N LEU A 117 -0.80 10.17 14.37
CA LEU A 117 -1.52 9.54 13.27
C LEU A 117 -0.75 8.33 12.72
N SER A 118 0.57 8.37 12.78
CA SER A 118 1.39 7.24 12.39
C SER A 118 1.16 6.08 13.36
N PHE A 119 1.11 6.37 14.66
CA PHE A 119 0.77 5.35 15.65
C PHE A 119 -0.63 4.79 15.41
N LEU A 120 -1.59 5.65 15.09
CA LEU A 120 -2.95 5.23 14.82
C LEU A 120 -2.96 4.25 13.64
N LEU A 121 -2.29 4.57 12.54
CA LEU A 121 -2.23 3.69 11.39
C LEU A 121 -1.68 2.32 11.81
N MET A 122 -0.61 2.32 12.59
CA MET A 122 0.00 1.07 13.02
CA MET A 122 0.00 1.06 13.01
CA MET A 122 0.01 1.06 13.04
C MET A 122 -0.97 0.23 13.87
N LEU A 123 -1.72 0.87 14.74
CA LEU A 123 -2.72 0.16 15.54
C LEU A 123 -3.83 -0.47 14.68
N TYR A 124 -4.36 0.28 13.71
CA TYR A 124 -5.39 -0.27 12.83
CA TYR A 124 -5.37 -0.25 12.79
C TYR A 124 -4.79 -1.44 12.03
N ALA A 125 -3.57 -1.25 11.56
CA ALA A 125 -2.92 -2.27 10.76
C ALA A 125 -2.74 -3.57 11.55
N GLY A 126 -2.44 -3.45 12.84
CA GLY A 126 -2.22 -4.60 13.69
C GLY A 126 -3.46 -5.46 13.92
N LEU A 127 -4.64 -4.93 13.59
CA LEU A 127 -5.84 -5.76 13.54
C LEU A 127 -5.91 -6.67 12.32
N LEU A 128 -5.16 -6.33 11.27
CA LEU A 128 -5.20 -7.03 10.00
C LEU A 128 -4.07 -8.01 9.74
N GLY A 129 -2.92 -7.81 10.35
CA GLY A 129 -1.75 -8.64 10.11
C GLY A 129 -0.47 -8.08 10.65
N ASP A 130 0.63 -8.59 10.09
CA ASP A 130 2.00 -8.28 10.48
C ASP A 130 2.55 -7.20 9.55
N VAL A 131 2.97 -6.08 10.11
CA VAL A 131 3.50 -4.98 9.33
C VAL A 131 4.97 -5.20 9.01
N PHE A 132 5.41 -4.66 7.87
CA PHE A 132 6.80 -4.79 7.51
C PHE A 132 7.17 -3.66 6.54
N GLY A 133 8.46 -3.48 6.33
CA GLY A 133 8.98 -2.58 5.32
C GLY A 133 10.01 -3.26 4.44
N TRP A 134 10.67 -2.46 3.61
CA TRP A 134 11.61 -2.96 2.61
C TRP A 134 12.91 -2.21 2.78
N ALA A 135 14.01 -2.95 2.85
CA ALA A 135 15.33 -2.33 3.03
C ALA A 135 15.59 -1.29 1.96
N THR A 136 15.00 -1.49 0.78
CA THR A 136 15.29 -0.74 -0.40
C THR A 136 14.28 0.39 -0.66
N GLN A 137 13.39 0.67 0.31
CA GLN A 137 12.36 1.71 0.17
C GLN A 137 12.30 2.60 1.42
N GLN A 138 12.46 3.91 1.21
CA GLN A 138 12.41 4.91 2.29
C GLN A 138 13.17 4.44 3.53
N ASP A 139 14.43 4.03 3.31
CA ASP A 139 15.34 3.72 4.40
C ASP A 139 14.84 2.59 5.32
N GLY A 140 14.05 1.68 4.76
CA GLY A 140 13.55 0.55 5.52
C GLY A 140 12.47 0.88 6.54
N ARG A 141 11.88 2.07 6.44
CA ARG A 141 10.81 2.43 7.33
C ARG A 141 9.60 1.54 7.15
N VAL A 142 8.93 1.25 8.25
CA VAL A 142 7.68 0.51 8.18
C VAL A 142 6.52 1.46 7.88
N VAL A 143 6.38 2.55 8.61
CA VAL A 143 5.42 3.59 8.20
C VAL A 143 6.13 4.52 7.23
N THR A 144 5.64 4.55 6.01
CA THR A 144 6.23 5.36 4.95
C THR A 144 5.32 6.54 4.60
N ASP A 145 5.81 7.41 3.71
CA ASP A 145 5.09 8.66 3.36
C ASP A 145 4.82 8.75 1.88
N VAL A 146 3.63 9.24 1.54
CA VAL A 146 3.25 9.54 0.16
C VAL A 146 2.98 11.05 0.11
N LEU A 147 3.78 11.78 -0.66
CA LEU A 147 3.65 13.22 -0.79
C LEU A 147 4.41 13.61 -2.05
N PRO A 148 4.03 14.72 -2.71
CA PRO A 148 4.68 15.10 -3.95
C PRO A 148 6.04 15.70 -3.67
N ILE A 149 7.05 15.24 -4.41
CA ILE A 149 8.38 15.75 -4.26
C ILE A 149 8.75 16.58 -5.49
N LYS A 150 9.15 17.84 -5.23
CA LYS A 150 9.42 18.82 -6.28
CA LYS A 150 9.43 18.82 -6.29
C LYS A 150 10.55 18.27 -7.17
N GLY A 151 10.32 18.30 -8.49
CA GLY A 151 11.24 17.68 -9.44
C GLY A 151 10.87 16.26 -9.83
N GLY A 152 10.02 15.64 -9.01
CA GLY A 152 9.61 14.25 -9.17
C GLY A 152 8.20 14.05 -9.68
N GLU A 153 7.69 15.03 -10.43
CA GLU A 153 6.29 15.05 -10.84
C GLU A 153 5.95 13.95 -11.82
N HIS A 154 6.90 13.63 -12.69
CA HIS A 154 6.70 12.70 -13.81
C HIS A 154 7.43 11.37 -13.64
N THR A 155 7.58 10.93 -12.40
CA THR A 155 8.20 9.66 -12.11
C THR A 155 7.13 8.58 -11.95
N LEU A 156 7.59 7.35 -11.75
CA LEU A 156 6.72 6.18 -11.63
C LEU A 156 6.52 5.77 -10.16
N VAL A 157 6.85 6.66 -9.25
CA VAL A 157 6.73 6.38 -7.83
C VAL A 157 5.65 7.24 -7.18
N SER A 158 5.35 6.95 -5.92
CA SER A 158 4.19 7.56 -5.27
C SER A 158 4.36 9.04 -4.89
N SER A 159 5.57 9.57 -5.07
CA SER A 159 5.84 10.99 -4.91
C SER A 159 5.69 11.79 -6.21
N SER A 160 5.20 11.14 -7.27
CA SER A 160 4.75 11.79 -8.49
C SER A 160 3.50 12.64 -8.24
N SER A 161 3.09 13.39 -9.26
CA SER A 161 1.90 14.21 -9.15
C SER A 161 1.32 14.42 -10.53
N ARG A 162 2.03 15.20 -11.36
CA ARG A 162 1.52 15.62 -12.66
C ARG A 162 1.28 14.43 -13.60
N GLN A 163 2.09 13.39 -13.45
CA GLN A 163 1.89 12.13 -14.13
C GLN A 163 1.10 11.20 -13.22
N GLU A 164 0.02 10.64 -13.75
CA GLU A 164 -0.77 9.64 -13.04
C GLU A 164 0.13 8.49 -12.58
N LEU A 165 -0.11 8.00 -11.37
CA LEU A 165 0.52 6.78 -10.90
C LEU A 165 -0.33 5.64 -11.45
N GLY A 166 0.24 4.92 -12.41
CA GLY A 166 -0.49 3.84 -13.09
C GLY A 166 -0.82 2.70 -12.15
N TRP A 167 -1.86 1.97 -12.47
CA TRP A 167 -2.33 0.92 -11.56
C TRP A 167 -1.32 -0.21 -11.47
N HIS A 168 -1.24 -0.78 -10.27
N HIS A 168 -1.27 -0.87 -10.33
CA HIS A 168 -0.21 -1.75 -9.93
CA HIS A 168 -0.33 -1.97 -10.15
C HIS A 168 -0.70 -2.63 -8.77
C HIS A 168 -0.57 -2.60 -8.80
N THR A 169 -0.23 -3.87 -8.73
CA THR A 169 -0.09 -4.59 -7.47
C THR A 169 1.17 -4.04 -6.77
N GLU A 170 1.03 -3.72 -5.49
CA GLU A 170 2.16 -3.23 -4.74
C GLU A 170 3.25 -4.30 -4.71
N ASP A 171 4.48 -3.93 -5.06
CA ASP A 171 5.61 -4.83 -5.08
C ASP A 171 5.36 -6.12 -5.86
N ALA A 172 4.74 -5.96 -7.02
CA ALA A 172 4.36 -7.08 -7.87
C ALA A 172 5.55 -7.98 -8.12
N PHE A 173 6.74 -7.43 -8.23
CA PHE A 173 7.94 -8.23 -8.56
C PHE A 173 8.26 -9.31 -7.54
N SER A 174 7.78 -9.14 -6.31
CA SER A 174 8.24 -9.96 -5.18
C SER A 174 7.19 -10.97 -4.73
N PRO A 175 7.63 -12.20 -4.42
CA PRO A 175 6.78 -13.16 -3.74
C PRO A 175 6.38 -12.75 -2.32
N TYR A 176 7.06 -11.77 -1.77
CA TYR A 176 6.86 -11.33 -0.39
C TYR A 176 6.06 -10.05 -0.29
N ARG A 177 5.44 -9.66 -1.40
CA ARG A 177 4.61 -8.47 -1.42
C ARG A 177 3.47 -8.54 -0.37
N ALA A 178 3.00 -7.36 0.03
CA ALA A 178 1.94 -7.24 1.01
C ALA A 178 0.65 -7.93 0.59
N ASP A 179 -0.05 -8.43 1.60
CA ASP A 179 -1.47 -8.77 1.44
C ASP A 179 -2.38 -7.54 1.45
N TYR A 180 -2.08 -6.57 2.30
CA TYR A 180 -2.86 -5.33 2.39
C TYR A 180 -1.88 -4.18 2.39
N VAL A 181 -2.30 -3.09 1.74
CA VAL A 181 -1.56 -1.84 1.82
C VAL A 181 -2.47 -0.83 2.50
N GLY A 182 -2.02 -0.31 3.64
CA GLY A 182 -2.76 0.69 4.37
C GLY A 182 -2.32 2.09 3.99
N LEU A 183 -3.31 2.98 3.89
CA LEU A 183 -3.12 4.39 3.53
C LEU A 183 -3.94 5.23 4.46
N LEU A 184 -3.32 6.17 5.15
CA LEU A 184 -4.02 7.13 6.03
CA LEU A 184 -4.05 7.11 5.99
C LEU A 184 -3.84 8.51 5.41
N SER A 185 -4.94 9.19 5.13
CA SER A 185 -4.88 10.51 4.53
C SER A 185 -4.74 11.58 5.60
N LEU A 186 -3.56 12.19 5.66
CA LEU A 186 -3.34 13.28 6.59
C LEU A 186 -3.96 14.58 6.07
N ARG A 187 -3.86 14.80 4.76
CA ARG A 187 -4.52 15.89 4.10
C ARG A 187 -4.67 15.58 2.63
N ASN A 188 -5.74 16.08 2.06
CA ASN A 188 -6.00 15.91 0.66
C ASN A 188 -6.98 17.02 0.28
N PRO A 189 -6.51 18.28 0.27
CA PRO A 189 -7.49 19.38 0.22
C PRO A 189 -8.26 19.50 -1.08
N ASP A 190 -7.66 19.01 -2.16
CA ASP A 190 -8.25 19.10 -3.48
C ASP A 190 -8.87 17.78 -3.93
N GLY A 191 -8.94 16.81 -3.02
CA GLY A 191 -9.74 15.62 -3.29
C GLY A 191 -9.22 14.72 -4.40
N VAL A 192 -7.91 14.54 -4.45
CA VAL A 192 -7.26 13.71 -5.45
C VAL A 192 -7.62 12.23 -5.18
N ALA A 193 -8.03 11.51 -6.23
CA ALA A 193 -8.50 10.13 -6.11
C ALA A 193 -7.37 9.12 -6.19
N THR A 194 -7.43 8.14 -5.31
CA THR A 194 -6.76 6.85 -5.49
C THR A 194 -7.59 6.09 -6.52
N THR A 195 -6.95 5.28 -7.37
CA THR A 195 -7.65 4.44 -8.32
C THR A 195 -7.51 2.98 -7.89
N LEU A 196 -8.54 2.20 -8.24
CA LEU A 196 -8.64 0.78 -7.91
C LEU A 196 -9.29 0.02 -9.06
N ALA A 197 -8.92 -1.25 -9.20
CA ALA A 197 -9.64 -2.18 -10.07
C ALA A 197 -9.41 -3.58 -9.56
N GLY A 198 -10.46 -4.39 -9.68
CA GLY A 198 -10.32 -5.84 -9.45
C GLY A 198 -10.10 -6.61 -10.74
N VAL A 199 -10.04 -7.94 -10.63
CA VAL A 199 -9.93 -8.79 -11.83
C VAL A 199 -11.21 -8.64 -12.64
N PRO A 200 -11.10 -8.39 -13.98
CA PRO A 200 -12.26 -8.14 -14.82
C PRO A 200 -12.88 -9.46 -15.27
N LEU A 201 -13.40 -10.20 -14.30
CA LEU A 201 -13.90 -11.53 -14.51
C LEU A 201 -15.13 -11.57 -15.39
N ASP A 202 -15.90 -10.49 -15.42
CA ASP A 202 -17.11 -10.45 -16.26
C ASP A 202 -16.78 -10.33 -17.74
N ASP A 203 -15.52 -10.06 -18.08
CA ASP A 203 -15.11 -9.87 -19.46
C ASP A 203 -14.01 -10.80 -19.98
N LEU A 204 -13.27 -11.45 -19.09
CA LEU A 204 -12.14 -12.31 -19.52
C LEU A 204 -12.70 -13.65 -20.05
N ASP A 205 -12.46 -13.95 -21.31
CA ASP A 205 -12.82 -15.25 -21.86
C ASP A 205 -11.94 -16.35 -21.28
N GLU A 206 -12.40 -17.60 -21.38
CA GLU A 206 -11.75 -18.70 -20.70
C GLU A 206 -10.35 -18.94 -21.20
N ARG A 207 -10.14 -18.80 -22.51
CA ARG A 207 -8.81 -19.04 -23.06
C ARG A 207 -7.85 -17.98 -22.51
N THR A 208 -8.24 -16.72 -22.51
CA THR A 208 -7.41 -15.65 -21.94
C THR A 208 -7.12 -15.90 -20.46
N LEU A 209 -8.14 -16.27 -19.71
CA LEU A 209 -8.00 -16.56 -18.31
C LEU A 209 -7.01 -17.69 -18.09
N ASP A 210 -7.12 -18.75 -18.86
CA ASP A 210 -6.19 -19.88 -18.79
C ASP A 210 -4.75 -19.43 -18.99
N VAL A 211 -4.48 -18.58 -19.97
CA VAL A 211 -3.13 -18.11 -20.23
C VAL A 211 -2.61 -17.25 -19.07
N LEU A 212 -3.45 -16.39 -18.51
CA LEU A 212 -3.05 -15.54 -17.39
C LEU A 212 -2.72 -16.33 -16.13
N PHE A 213 -3.24 -17.56 -16.00
CA PHE A 213 -2.91 -18.47 -14.91
C PHE A 213 -1.60 -19.25 -15.11
N GLN A 214 -1.01 -19.15 -16.30
CA GLN A 214 0.24 -19.82 -16.59
C GLN A 214 1.45 -18.92 -16.35
N GLU A 215 2.60 -19.55 -16.12
CA GLU A 215 3.82 -18.83 -15.76
C GLU A 215 4.54 -18.32 -17.01
N ARG A 216 3.96 -17.28 -17.60
CA ARG A 216 4.35 -16.81 -18.92
C ARG A 216 4.54 -15.29 -18.97
N PHE A 217 4.79 -14.69 -17.80
CA PHE A 217 4.89 -13.23 -17.67
C PHE A 217 6.09 -12.82 -16.84
N LEU A 218 6.55 -11.61 -17.09
CA LEU A 218 7.68 -11.01 -16.40
C LEU A 218 7.21 -9.78 -15.69
N ILE A 219 7.79 -9.51 -14.53
CA ILE A 219 7.35 -8.43 -13.65
C ILE A 219 8.53 -8.01 -12.80
N ARG A 220 8.99 -6.80 -13.05
CA ARG A 220 10.24 -6.30 -12.49
C ARG A 220 9.92 -5.34 -11.37
N PRO A 221 10.91 -5.10 -10.49
CA PRO A 221 10.69 -4.18 -9.38
C PRO A 221 10.45 -2.77 -9.87
N ASP A 222 9.52 -2.06 -9.23
CA ASP A 222 9.24 -0.71 -9.60
C ASP A 222 10.34 0.23 -9.10
N ASP A 223 10.25 1.48 -9.51
CA ASP A 223 11.34 2.42 -9.34
C ASP A 223 11.57 2.85 -7.89
N SER A 224 10.62 2.56 -7.01
CA SER A 224 10.75 2.92 -5.60
C SER A 224 11.87 2.13 -4.92
N HIS A 225 12.30 1.05 -5.55
CA HIS A 225 13.34 0.17 -5.03
C HIS A 225 14.72 0.47 -5.61
N LEU A 226 14.82 1.57 -6.35
CA LEU A 226 16.10 2.00 -6.92
C LEU A 226 16.90 2.76 -5.86
N GLN A 227 18.22 2.66 -5.94
CA GLN A 227 19.10 3.40 -5.06
C GLN A 227 18.82 4.90 -5.10
N VAL A 228 18.44 5.41 -6.26
CA VAL A 228 18.28 6.86 -6.44
C VAL A 228 17.12 7.41 -5.61
N ASN A 229 16.24 6.51 -5.16
CA ASN A 229 15.07 6.90 -4.39
C ASN A 229 15.17 6.48 -2.92
N ASN A 230 16.38 6.22 -2.46
CA ASN A 230 16.68 6.14 -1.02
C ASN A 230 17.78 7.12 -0.65
N SER A 231 18.07 7.21 0.64
CA SER A 231 19.14 8.09 1.14
C SER A 231 20.53 7.54 0.83
N THR A 232 21.55 8.32 1.15
CA THR A 232 22.94 7.86 1.05
C THR A 232 23.17 6.61 1.90
N ARG A 237 22.03 -1.48 1.87
CA ARG A 237 23.18 -1.82 1.05
C ARG A 237 22.93 -3.08 0.23
N VAL A 238 23.08 -4.25 0.85
CA VAL A 238 23.20 -5.50 0.11
C VAL A 238 21.88 -5.89 -0.55
N GLU A 239 20.77 -5.40 -0.02
CA GLU A 239 19.45 -5.78 -0.50
C GLU A 239 19.16 -5.22 -1.89
N PHE A 240 19.89 -4.18 -2.30
CA PHE A 240 19.74 -3.64 -3.64
C PHE A 240 20.25 -4.61 -4.71
N GLU A 241 21.06 -5.57 -4.29
CA GLU A 241 21.55 -6.62 -5.18
C GLU A 241 20.41 -7.51 -5.67
N GLY A 242 19.47 -7.81 -4.77
CA GLY A 242 18.33 -8.62 -5.11
C GLY A 242 17.38 -7.94 -6.07
N ILE A 243 17.23 -6.63 -5.88
CA ILE A 243 16.42 -5.81 -6.77
C ILE A 243 17.02 -5.83 -8.18
N ALA A 244 18.34 -5.66 -8.24
CA ALA A 244 19.04 -5.75 -9.52
C ALA A 244 18.81 -7.09 -10.20
N GLN A 245 18.89 -8.18 -9.43
CA GLN A 245 18.66 -9.52 -9.97
C GLN A 245 17.24 -9.66 -10.52
N ALA A 246 16.28 -9.08 -9.79
CA ALA A 246 14.86 -9.19 -10.18
C ALA A 246 14.55 -8.35 -11.42
N ALA A 247 15.29 -7.26 -11.61
CA ALA A 247 15.15 -6.40 -12.79
C ALA A 247 15.83 -6.99 -14.02
N ASP A 248 17.04 -7.51 -13.83
CA ASP A 248 17.87 -7.97 -14.95
C ASP A 248 17.44 -9.33 -15.44
N ARG A 249 17.05 -10.19 -14.49
CA ARG A 249 16.72 -11.58 -14.80
C ARG A 249 15.43 -11.99 -14.11
N PRO A 250 14.31 -11.38 -14.51
CA PRO A 250 13.03 -11.82 -13.95
C PRO A 250 12.67 -13.25 -14.37
N GLU A 251 12.12 -14.03 -13.44
CA GLU A 251 11.66 -15.40 -13.76
C GLU A 251 10.19 -15.35 -14.16
N PRO A 252 9.77 -16.19 -15.16
CA PRO A 252 8.36 -16.09 -15.52
C PRO A 252 7.44 -16.56 -14.42
N VAL A 253 6.39 -15.77 -14.26
CA VAL A 253 5.40 -15.98 -13.22
C VAL A 253 4.03 -15.81 -13.83
N ALA A 254 3.00 -16.29 -13.13
CA ALA A 254 1.61 -16.10 -13.55
C ALA A 254 1.14 -14.71 -13.12
N ILE A 255 0.11 -14.22 -13.79
CA ILE A 255 -0.59 -13.02 -13.34
C ILE A 255 -1.75 -13.37 -12.41
N LEU A 256 -2.46 -14.46 -12.71
CA LEU A 256 -3.57 -14.91 -11.87
C LEU A 256 -3.22 -16.21 -11.17
N THR A 257 -3.68 -16.32 -9.93
CA THR A 257 -3.50 -17.53 -9.12
C THR A 257 -4.78 -17.83 -8.36
N GLY A 258 -4.87 -19.04 -7.83
CA GLY A 258 -5.94 -19.45 -6.96
C GLY A 258 -7.19 -19.91 -7.71
N HIS A 259 -8.33 -19.48 -7.22
CA HIS A 259 -9.61 -19.94 -7.68
C HIS A 259 -9.98 -19.22 -8.98
N ARG A 260 -10.36 -19.97 -10.00
CA ARG A 260 -10.65 -19.39 -11.31
C ARG A 260 -11.86 -18.46 -11.22
N ALA A 261 -12.74 -18.74 -10.27
CA ALA A 261 -13.94 -17.92 -10.07
C ALA A 261 -13.69 -16.71 -9.17
N ALA A 262 -12.48 -16.59 -8.62
CA ALA A 262 -12.11 -15.46 -7.74
C ALA A 262 -10.59 -15.34 -7.65
N PRO A 263 -9.93 -15.05 -8.77
CA PRO A 263 -8.49 -15.17 -8.78
C PRO A 263 -7.81 -14.09 -7.98
N HIS A 264 -6.60 -14.39 -7.51
CA HIS A 264 -5.71 -13.36 -7.05
C HIS A 264 -4.85 -12.85 -8.18
N LEU A 265 -4.43 -11.60 -8.04
CA LEU A 265 -3.91 -10.81 -9.13
C LEU A 265 -2.52 -10.27 -8.80
N ARG A 266 -1.59 -10.38 -9.75
CA ARG A 266 -0.22 -9.92 -9.63
C ARG A 266 0.20 -9.30 -10.95
N VAL A 267 0.21 -7.96 -11.01
CA VAL A 267 0.44 -7.29 -12.28
C VAL A 267 0.87 -5.86 -12.02
N ASP A 268 1.58 -5.30 -13.00
CA ASP A 268 1.96 -3.91 -12.95
C ASP A 268 1.70 -3.33 -14.35
N GLY A 269 0.85 -2.33 -14.42
CA GLY A 269 0.39 -1.84 -15.71
C GLY A 269 1.52 -1.27 -16.54
N ASP A 270 2.50 -0.64 -15.90
N ASP A 270 2.64 -0.97 -15.87
CA ASP A 270 3.69 -0.21 -16.63
CA ASP A 270 3.82 -0.27 -16.43
C ASP A 270 4.66 -1.35 -16.96
C ASP A 270 5.11 -1.14 -16.38
N PHE A 271 4.94 -2.22 -15.99
N PHE A 271 5.12 -2.14 -15.49
CA PHE A 271 6.13 -3.03 -16.05
CA PHE A 271 6.32 -2.94 -15.28
C PHE A 271 5.90 -4.50 -16.40
C PHE A 271 6.12 -4.43 -15.60
N SER A 272 4.66 -4.98 -16.30
N SER A 272 5.03 -4.77 -16.28
CA SER A 272 4.38 -6.35 -16.71
CA SER A 272 4.75 -6.16 -16.67
C SER A 272 4.69 -6.49 -18.19
C SER A 272 4.95 -6.38 -18.17
N ALA A 273 5.29 -7.62 -18.55
CA ALA A 273 5.57 -7.92 -19.93
C ALA A 273 5.33 -9.41 -20.13
N PRO A 274 5.16 -9.81 -21.39
CA PRO A 274 5.14 -11.24 -21.63
C PRO A 274 6.52 -11.86 -21.53
N ALA A 275 6.60 -13.16 -21.29
CA ALA A 275 7.85 -13.88 -21.49
C ALA A 275 8.32 -13.65 -22.92
N GLU A 276 9.63 -13.74 -23.13
CA GLU A 276 10.24 -13.37 -24.41
C GLU A 276 9.61 -14.09 -25.60
N GLY A 277 9.08 -13.31 -26.54
CA GLY A 277 8.48 -13.84 -27.78
C GLY A 277 7.20 -14.65 -27.62
N ASP A 278 6.62 -14.67 -26.43
CA ASP A 278 5.38 -15.42 -26.18
C ASP A 278 4.15 -14.58 -26.57
N GLU A 279 3.73 -14.70 -27.83
CA GLU A 279 2.70 -13.80 -28.35
C GLU A 279 1.31 -14.07 -27.77
N GLU A 280 1.02 -15.31 -27.39
CA GLU A 280 -0.25 -15.65 -26.72
C GLU A 280 -0.33 -15.01 -25.34
N ALA A 281 0.75 -15.12 -24.58
CA ALA A 281 0.84 -14.41 -23.31
C ALA A 281 0.67 -12.92 -23.53
N ALA A 282 1.33 -12.40 -24.56
CA ALA A 282 1.27 -10.97 -24.84
C ALA A 282 -0.19 -10.53 -25.10
N ALA A 283 -0.91 -11.32 -25.89
CA ALA A 283 -2.30 -11.02 -26.20
C ALA A 283 -3.14 -10.98 -24.94
N ALA A 284 -2.92 -11.96 -24.06
CA ALA A 284 -3.68 -12.03 -22.80
C ALA A 284 -3.39 -10.81 -21.91
N LEU A 285 -2.12 -10.43 -21.82
CA LEU A 285 -1.75 -9.26 -21.03
C LEU A 285 -2.31 -7.96 -21.63
N GLY A 286 -2.27 -7.86 -22.97
CA GLY A 286 -2.87 -6.70 -23.65
C GLY A 286 -4.36 -6.57 -23.39
N THR A 287 -5.05 -7.70 -23.42
CA THR A 287 -6.47 -7.74 -23.15
C THR A 287 -6.71 -7.34 -21.70
N LEU A 288 -5.91 -7.89 -20.78
CA LEU A 288 -6.06 -7.55 -19.37
C LEU A 288 -5.88 -6.05 -19.14
N ARG A 289 -4.85 -5.46 -19.78
CA ARG A 289 -4.62 -4.02 -19.64
C ARG A 289 -5.85 -3.22 -20.07
N LYS A 290 -6.42 -3.56 -21.23
CA LYS A 290 -7.61 -2.86 -21.70
C LYS A 290 -8.79 -2.98 -20.76
N LEU A 291 -8.98 -4.17 -20.24
CA LEU A 291 -10.11 -4.44 -19.37
C LEU A 291 -9.95 -3.81 -17.99
N ILE A 292 -8.74 -3.76 -17.45
CA ILE A 292 -8.52 -3.05 -16.22
C ILE A 292 -8.63 -1.54 -16.41
N ASP A 293 -8.11 -1.01 -17.51
CA ASP A 293 -8.26 0.42 -17.79
C ASP A 293 -9.74 0.80 -17.82
N ALA A 294 -10.56 -0.07 -18.42
CA ALA A 294 -11.98 0.20 -18.63
C ALA A 294 -12.76 0.10 -17.33
N SER A 295 -12.21 -0.59 -16.32
CA SER A 295 -12.96 -0.82 -15.10
C SER A 295 -12.42 -0.08 -13.89
N LEU A 296 -11.33 0.64 -14.09
CA LEU A 296 -10.69 1.40 -13.03
C LEU A 296 -11.69 2.40 -12.46
N TYR A 297 -11.75 2.51 -11.15
CA TYR A 297 -12.63 3.46 -10.50
C TYR A 297 -11.87 4.24 -9.40
N GLU A 298 -12.53 5.26 -8.86
CA GLU A 298 -11.92 6.19 -7.93
C GLU A 298 -12.41 6.01 -6.50
N LEU A 299 -11.49 6.18 -5.57
CA LEU A 299 -11.74 6.24 -4.14
C LEU A 299 -10.99 7.48 -3.63
N VAL A 300 -11.73 8.47 -3.14
CA VAL A 300 -11.10 9.68 -2.60
C VAL A 300 -10.94 9.54 -1.08
N LEU A 301 -9.70 9.54 -0.65
CA LEU A 301 -9.38 9.50 0.75
C LEU A 301 -9.29 10.90 1.27
N ASP A 302 -10.39 11.37 1.84
N ASP A 302 -10.39 11.38 1.82
CA ASP A 302 -10.40 12.67 2.51
CA ASP A 302 -10.43 12.69 2.48
C ASP A 302 -9.54 12.64 3.76
C ASP A 302 -9.62 12.66 3.78
N GLN A 303 -9.23 13.83 4.25
CA GLN A 303 -8.50 13.94 5.47
C GLN A 303 -9.12 13.06 6.55
N GLY A 304 -8.29 12.22 7.16
CA GLY A 304 -8.70 11.34 8.26
C GLY A 304 -9.20 9.98 7.83
N ASP A 305 -9.37 9.75 6.55
CA ASP A 305 -9.77 8.45 6.04
C ASP A 305 -8.59 7.51 5.95
N VAL A 306 -8.84 6.24 6.26
CA VAL A 306 -7.90 5.18 6.14
C VAL A 306 -8.47 4.10 5.22
N ALA A 307 -7.65 3.62 4.31
CA ALA A 307 -8.00 2.48 3.44
C ALA A 307 -6.97 1.38 3.61
N PHE A 308 -7.44 0.13 3.65
CA PHE A 308 -6.58 -1.04 3.54
C PHE A 308 -6.94 -1.74 2.26
N ILE A 309 -6.09 -1.61 1.26
CA ILE A 309 -6.36 -2.14 -0.06
C ILE A 309 -5.92 -3.60 -0.06
N ASP A 310 -6.79 -4.48 -0.57
CA ASP A 310 -6.48 -5.89 -0.69
C ASP A 310 -5.61 -6.11 -1.92
N ASN A 311 -4.31 -6.28 -1.67
CA ASN A 311 -3.32 -6.32 -2.73
C ASN A 311 -3.28 -7.63 -3.50
N ARG A 312 -4.15 -8.56 -3.12
CA ARG A 312 -4.33 -9.76 -3.94
CA ARG A 312 -4.39 -9.81 -3.88
C ARG A 312 -5.55 -9.68 -4.83
N ARG A 313 -6.53 -8.87 -4.44
CA ARG A 313 -7.75 -8.74 -5.20
C ARG A 313 -7.78 -7.58 -6.18
N ALA A 314 -6.95 -6.56 -5.91
CA ALA A 314 -7.09 -5.28 -6.59
C ALA A 314 -5.72 -4.75 -6.92
N VAL A 315 -5.67 -3.99 -8.02
CA VAL A 315 -4.57 -3.09 -8.33
C VAL A 315 -4.98 -1.71 -7.90
N HIS A 316 -3.99 -0.84 -7.66
CA HIS A 316 -4.30 0.53 -7.28
C HIS A 316 -3.34 1.50 -7.92
N GLY A 317 -3.72 2.76 -7.97
CA GLY A 317 -2.87 3.83 -8.44
C GLY A 317 -3.41 5.14 -7.92
N ARG A 318 -3.05 6.26 -8.58
CA ARG A 318 -3.45 7.58 -8.09
C ARG A 318 -3.55 8.49 -9.30
N ARG A 319 -4.63 9.27 -9.36
CA ARG A 319 -4.82 10.20 -10.46
C ARG A 319 -3.75 11.28 -10.55
N ALA A 320 -3.53 11.78 -11.75
CA ALA A 320 -2.68 12.94 -11.95
C ALA A 320 -3.27 14.13 -11.19
N PHE A 321 -2.39 14.96 -10.64
CA PHE A 321 -2.81 16.21 -10.00
C PHE A 321 -1.71 17.23 -10.11
N GLN A 322 -2.09 18.50 -10.00
CA GLN A 322 -1.14 19.57 -10.03
C GLN A 322 -0.68 19.81 -8.59
N PRO A 323 0.60 19.60 -8.29
CA PRO A 323 1.06 19.81 -6.93
C PRO A 323 1.05 21.30 -6.57
N ARG A 324 0.94 21.57 -5.29
CA ARG A 324 0.88 22.94 -4.80
C ARG A 324 2.28 23.48 -4.44
N TYR A 325 2.99 22.71 -3.62
CA TYR A 325 4.27 23.08 -3.08
C TYR A 325 4.20 24.32 -2.21
N ASP A 326 3.07 24.50 -1.52
CA ASP A 326 2.85 25.67 -0.65
C ASP A 326 2.69 25.29 0.81
N GLY A 327 3.01 24.05 1.16
CA GLY A 327 2.86 23.55 2.51
C GLY A 327 1.58 22.78 2.80
N ARG A 328 0.65 22.77 1.87
CA ARG A 328 -0.61 22.07 2.07
C ARG A 328 -0.87 20.98 1.01
N ASP A 329 0.17 20.39 0.42
CA ASP A 329 -0.03 19.26 -0.48
C ASP A 329 -0.61 18.03 0.23
N ARG A 330 -1.31 17.24 -0.59
CA ARG A 330 -1.76 15.90 -0.27
C ARG A 330 -0.64 15.09 0.37
N TRP A 331 -0.97 14.37 1.43
CA TRP A 331 0.01 13.67 2.22
C TRP A 331 -0.69 12.48 2.86
N LEU A 332 -0.16 11.29 2.59
CA LEU A 332 -0.58 10.03 3.21
CA LEU A 332 -0.61 10.09 3.26
C LEU A 332 0.53 9.38 3.98
N LYS A 333 0.16 8.65 5.03
CA LYS A 333 1.06 7.66 5.64
C LYS A 333 0.65 6.30 5.09
N ARG A 334 1.63 5.42 4.95
CA ARG A 334 1.42 4.14 4.28
C ARG A 334 2.12 3.01 5.01
N ILE A 335 1.54 1.82 4.95
CA ILE A 335 2.11 0.66 5.62
C ILE A 335 1.76 -0.61 4.83
N ASN A 336 2.75 -1.50 4.74
CA ASN A 336 2.59 -2.84 4.17
C ASN A 336 2.26 -3.85 5.26
N ILE A 337 1.30 -4.71 4.97
CA ILE A 337 0.78 -5.71 5.94
C ILE A 337 0.76 -7.08 5.27
N THR A 338 1.30 -8.10 5.96
CA THR A 338 1.18 -9.48 5.51
C THR A 338 0.40 -10.26 6.53
N ARG A 339 -0.37 -11.23 6.06
CA ARG A 339 -1.01 -12.19 6.97
C ARG A 339 -0.03 -13.12 7.66
N ASP A 340 1.18 -13.28 7.12
CA ASP A 340 2.13 -14.23 7.68
C ASP A 340 3.56 -13.79 7.39
N LEU A 341 4.19 -13.20 8.38
CA LEU A 341 5.55 -12.73 8.27
C LEU A 341 6.51 -13.88 7.92
N HIS A 342 6.18 -15.10 8.35
CA HIS A 342 7.08 -16.24 8.09
C HIS A 342 7.20 -16.63 6.65
N ARG A 343 6.25 -16.20 5.84
CA ARG A 343 6.26 -16.48 4.40
CA ARG A 343 6.31 -16.55 4.44
C ARG A 343 7.46 -15.82 3.74
N SER A 344 7.98 -14.76 4.36
CA SER A 344 9.05 -13.96 3.77
CA SER A 344 9.07 -13.97 3.77
C SER A 344 10.39 -14.21 4.46
N ARG A 345 10.48 -15.28 5.25
CA ARG A 345 11.65 -15.64 6.08
CA ARG A 345 11.64 -15.37 6.11
C ARG A 345 12.96 -15.49 5.34
N LYS A 346 12.96 -15.95 4.09
CA LYS A 346 14.15 -15.92 3.22
C LYS A 346 14.63 -14.49 3.04
N ALA A 347 13.68 -13.56 3.04
CA ALA A 347 13.98 -12.19 2.69
C ALA A 347 14.18 -11.37 3.94
N TRP A 348 14.07 -11.99 5.11
CA TRP A 348 14.30 -11.25 6.33
C TRP A 348 15.69 -10.71 6.24
N ALA A 349 15.77 -9.38 6.19
CA ALA A 349 17.05 -8.71 6.05
C ALA A 349 17.61 -8.35 7.43
N GLY A 350 18.11 -9.35 8.14
CA GLY A 350 18.69 -9.14 9.46
C GLY A 350 17.70 -8.62 10.50
N ASP A 351 16.46 -8.37 10.08
CA ASP A 351 15.30 -8.70 10.88
CA ASP A 351 15.30 -8.65 10.90
C ASP A 351 14.03 -8.89 10.08
N SER A 352 13.03 -9.45 10.75
CA SER A 352 11.84 -9.95 10.09
C SER A 352 10.93 -8.85 9.57
N ARG A 353 11.15 -7.61 10.02
CA ARG A 353 10.26 -6.51 9.67
C ARG A 353 10.79 -5.64 8.56
N VAL A 354 12.03 -5.80 8.15
CA VAL A 354 12.55 -5.13 6.96
C VAL A 354 13.09 -6.17 6.00
N LEU A 355 12.50 -6.21 4.81
CA LEU A 355 12.72 -7.27 3.85
C LEU A 355 13.70 -6.91 2.77
N GLY A 356 14.50 -7.89 2.37
N GLY A 356 14.19 -7.96 2.12
CA GLY A 356 15.25 -7.79 1.14
CA GLY A 356 15.37 -7.86 1.27
C GLY A 356 16.14 -9.00 0.97
C GLY A 356 16.59 -8.18 2.10
N GLN A 357 16.65 -9.22 -0.13
N GLN A 357 17.24 -9.22 1.94
N ARG B . 7.66 2.33 26.75
CA ARG B . 7.22 0.95 26.41
C ARG B . 5.92 0.61 27.12
O ARG B . 5.64 -0.55 27.42
CB ARG B . 8.31 -0.05 26.80
CG ARG B . 8.45 -1.21 25.82
CD ARG B . 7.70 -2.45 26.29
NE ARG B . 7.44 -3.36 25.19
CZ ARG B . 8.32 -4.23 24.69
NH1 ARG B . 7.99 -4.99 23.66
NH2 ARG B . 9.52 -4.34 25.24
OXT ARG B . 5.10 1.49 27.41
FE FE2 C . 0.93 1.57 -4.61
O ZZU D . 6.31 4.50 -5.77
C ZZU D . 5.89 3.64 -5.01
OXT ZZU D . 5.59 3.92 -3.82
CA ZZU D . 5.84 2.21 -5.54
N ZZU D . 5.83 1.34 -4.36
CB ZZU D . 4.64 1.87 -6.48
OB ZZU D . 3.48 2.44 -5.84
CG ZZU D . 4.66 2.32 -7.97
CD ZZU D . 5.24 1.33 -9.01
NE ZZU D . 4.49 0.92 -10.24
CZ ZZU D . 4.05 1.71 -11.23
NH2 ZZU D . 4.17 3.03 -11.21
NH1 ZZU D . 3.43 1.22 -12.29
C1 SIN E . 0.31 3.91 -3.80
O1 SIN E . 0.24 3.50 -4.95
O2 SIN E . 0.78 3.00 -3.10
C2 SIN E . -0.16 5.30 -3.30
C3 SIN E . -1.60 5.62 -3.76
C4 SIN E . -2.07 7.03 -3.48
O3 SIN E . -3.29 7.22 -3.30
O4 SIN E . -1.30 8.03 -3.51
C1 GOL F . -2.82 27.68 9.73
O1 GOL F . -3.38 27.37 10.98
C2 GOL F . -1.43 27.02 9.62
O2 GOL F . -1.63 25.63 9.57
C3 GOL F . -0.61 27.54 8.44
O3 GOL F . -1.02 26.99 7.22
#